data_1ESW
#
_entry.id   1ESW
#
_cell.length_a   154.000
_cell.length_b   154.000
_cell.length_c   64.200
_cell.angle_alpha   90.00
_cell.angle_beta   90.00
_cell.angle_gamma   120.00
#
_symmetry.space_group_name_H-M   'P 64'
#
loop_
_entity.id
_entity.type
_entity.pdbx_description
1 polymer AMYLOMALTASE
2 branched 4,6-dideoxy-4-{[(1S,4R,5S,6S)-4,5,6-trihydroxy-3-(hydroxymethyl)cyclohex-2-en-1-yl]amino}-alpha-D-glucopyranose-(1-4)-alpha-D-glucopyranose-(1-4)-alpha-D-glucopyranose
3 non-polymer 1,2-ETHANEDIOL
4 water water
#
_entity_poly.entity_id   1
_entity_poly.type   'polypeptide(L)'
_entity_poly.pdbx_seq_one_letter_code
;MELPRAFGLLLHPTSLPGPYGVGVLGREARDFLRFLKEAGGRYWQVLPLGPTGYGDSPYQSFSAFAGNPYLIDLRPLAER
GYVRLEDPGFPQGRVDYGLLYAWKWPALKEAFRGFKEKASPEEREAFAAFREREAWWLEDYALFMALKGAHGGLPWNRWP
LPLRKREEKALREAKSALAEEVAFHAFTQWLFFRQWGALKAEAEALGIRIIGDMPIFVAEDSAEVWAHPEWFHLDEEGRP
TVVAGVPPDYFSETGQRWGNPLYRWDVLEREGFSFWIRRLEKALELFHLVRIDHFRGFEAYWEIPASCPTAVEGRWVKAP
GEKLFQKIQEVFGEVPVLAEDLGVITPEVEALRDRFGLPGMKVLQFAFDDGMENPFLPHNYPAHGRVVVYTGTHDNDTTL
GWYRTATPHEKAFMARYLADWGITFREEEEVPWALMHLGMKSVARLAVYPVQDVLALGSEARMNYPGRPSGNWAWRLLPG
ELSPEHGARLRAMAEATERL
;
_entity_poly.pdbx_strand_id   A
#
loop_
_chem_comp.id
_chem_comp.type
_chem_comp.name
_chem_comp.formula
AC1 D-saccharide 4,6-dideoxy-4-{[(1S,4R,5S,6S)-4,5,6-trihydroxy-3-(hydroxymethyl)cyclohex-2-en-1-yl]amino}-alpha-D-glucopyranose 'C13 H23 N O8'
EDO non-polymer 1,2-ETHANEDIOL 'C2 H6 O2'
GLC D-saccharide, alpha linking alpha-D-glucopyranose 'C6 H12 O6'
#
# COMPACT_ATOMS: atom_id res chain seq x y z
N MET A 1 -11.87 -5.39 -17.35
CA MET A 1 -11.87 -6.36 -16.20
C MET A 1 -13.28 -6.56 -15.65
N GLU A 2 -13.69 -7.83 -15.53
CA GLU A 2 -15.04 -8.14 -15.05
C GLU A 2 -15.03 -8.47 -13.55
N LEU A 3 -15.59 -7.57 -12.77
CA LEU A 3 -15.65 -7.74 -11.33
C LEU A 3 -17.03 -8.17 -10.92
N PRO A 4 -17.17 -9.35 -10.30
CA PRO A 4 -18.52 -9.75 -9.87
C PRO A 4 -18.88 -8.85 -8.69
N ARG A 5 -20.17 -8.68 -8.43
CA ARG A 5 -20.62 -7.83 -7.33
C ARG A 5 -20.12 -8.46 -6.03
N ALA A 6 -19.34 -7.72 -5.27
CA ALA A 6 -18.79 -8.26 -4.03
C ALA A 6 -18.37 -7.19 -3.04
N PHE A 7 -17.86 -7.62 -1.89
CA PHE A 7 -17.35 -6.63 -0.97
C PHE A 7 -16.03 -7.15 -0.37
N GLY A 8 -15.27 -6.24 0.22
CA GLY A 8 -14.03 -6.61 0.83
C GLY A 8 -13.72 -5.68 1.98
N LEU A 9 -12.60 -5.95 2.64
CA LEU A 9 -12.20 -5.13 3.76
C LEU A 9 -10.78 -4.63 3.56
N LEU A 10 -10.56 -3.42 4.02
CA LEU A 10 -9.25 -2.79 3.96
C LEU A 10 -8.60 -2.91 5.33
N LEU A 11 -7.43 -3.55 5.36
CA LEU A 11 -6.70 -3.74 6.60
C LEU A 11 -5.24 -3.93 6.29
N HIS A 12 -4.42 -2.99 6.68
CA HIS A 12 -3.00 -3.15 6.40
C HIS A 12 -2.50 -4.24 7.35
N PRO A 13 -1.58 -5.12 6.89
CA PRO A 13 -1.14 -6.19 7.81
C PRO A 13 -0.53 -5.76 9.16
N THR A 14 0.10 -4.59 9.23
CA THR A 14 0.66 -4.10 10.49
C THR A 14 -0.46 -3.98 11.56
N SER A 15 -1.69 -3.75 11.11
CA SER A 15 -2.85 -3.58 12.02
C SER A 15 -3.36 -4.88 12.63
N LEU A 16 -2.85 -6.01 12.16
CA LEU A 16 -3.32 -7.27 12.72
C LEU A 16 -2.92 -7.38 14.19
N PRO A 17 -3.74 -8.07 14.99
CA PRO A 17 -3.43 -8.23 16.41
C PRO A 17 -2.37 -9.31 16.52
N GLY A 18 -1.80 -9.47 17.71
CA GLY A 18 -0.80 -10.50 17.89
C GLY A 18 0.38 -10.00 18.69
N PRO A 19 1.21 -10.90 19.16
CA PRO A 19 2.38 -10.56 19.95
C PRO A 19 3.51 -9.93 19.16
N TYR A 20 4.41 -9.31 19.92
CA TYR A 20 5.63 -8.71 19.42
C TYR A 20 5.58 -7.40 18.67
N GLY A 21 4.59 -6.58 19.02
CA GLY A 21 4.50 -5.22 18.53
C GLY A 21 3.94 -4.79 17.19
N VAL A 22 3.63 -5.76 16.33
CA VAL A 22 3.12 -5.39 15.02
C VAL A 22 2.47 -6.61 14.39
N GLY A 23 1.47 -6.35 13.55
CA GLY A 23 0.80 -7.42 12.84
C GLY A 23 1.83 -8.09 11.92
N VAL A 24 1.74 -9.41 11.78
CA VAL A 24 2.69 -10.09 10.93
C VAL A 24 1.95 -11.09 10.07
N LEU A 25 2.69 -11.73 9.16
CA LEU A 25 2.15 -12.70 8.21
C LEU A 25 2.05 -14.09 8.79
N GLY A 26 1.20 -14.22 9.82
CA GLY A 26 1.04 -15.50 10.50
C GLY A 26 -0.40 -15.91 10.80
N ARG A 27 -0.57 -16.58 11.92
CA ARG A 27 -1.89 -17.08 12.26
C ARG A 27 -2.97 -16.02 12.35
N GLU A 28 -2.65 -14.89 12.95
CA GLU A 28 -3.66 -13.83 13.05
C GLU A 28 -4.08 -13.32 11.68
N ALA A 29 -3.15 -13.30 10.72
CA ALA A 29 -3.51 -12.88 9.35
C ALA A 29 -4.47 -13.95 8.80
N ARG A 30 -4.21 -15.20 9.12
CA ARG A 30 -5.09 -16.28 8.64
C ARG A 30 -6.45 -16.19 9.34
N ASP A 31 -6.44 -15.80 10.63
CA ASP A 31 -7.69 -15.62 11.35
C ASP A 31 -8.52 -14.52 10.65
N PHE A 32 -7.86 -13.46 10.22
CA PHE A 32 -8.57 -12.41 9.56
C PHE A 32 -9.13 -12.92 8.24
N LEU A 33 -8.34 -13.68 7.48
CA LEU A 33 -8.89 -14.17 6.23
C LEU A 33 -10.13 -15.02 6.54
N ARG A 34 -10.05 -15.85 7.59
CA ARG A 34 -11.17 -16.69 7.96
C ARG A 34 -12.39 -15.83 8.32
N PHE A 35 -12.17 -14.78 9.08
CA PHE A 35 -13.23 -13.88 9.47
C PHE A 35 -13.84 -13.28 8.21
N LEU A 36 -12.99 -12.85 7.29
CA LEU A 36 -13.46 -12.24 6.04
C LEU A 36 -14.31 -13.20 5.26
N LYS A 37 -13.86 -14.45 5.17
CA LYS A 37 -14.63 -15.45 4.43
C LYS A 37 -15.96 -15.69 5.11
N GLU A 38 -15.95 -15.82 6.43
CA GLU A 38 -17.22 -16.07 7.13
C GLU A 38 -18.17 -14.86 6.97
N ALA A 39 -17.60 -13.67 6.84
CA ALA A 39 -18.42 -12.46 6.66
C ALA A 39 -18.91 -12.35 5.22
N GLY A 40 -18.43 -13.26 4.36
CA GLY A 40 -18.83 -13.23 2.97
C GLY A 40 -17.96 -12.31 2.11
N GLY A 41 -16.90 -11.78 2.69
CA GLY A 41 -16.02 -10.89 1.94
C GLY A 41 -15.19 -11.68 0.92
N ARG A 42 -14.89 -11.06 -0.22
CA ARG A 42 -14.11 -11.74 -1.23
C ARG A 42 -12.82 -11.02 -1.58
N TYR A 43 -12.57 -9.89 -0.93
CA TYR A 43 -11.35 -9.14 -1.18
C TYR A 43 -10.75 -8.61 0.10
N TRP A 44 -9.44 -8.65 0.14
CA TRP A 44 -8.72 -8.09 1.24
C TRP A 44 -7.77 -7.08 0.60
N GLN A 45 -7.91 -5.81 0.99
CA GLN A 45 -7.02 -4.79 0.45
C GLN A 45 -6.00 -4.34 1.49
N VAL A 46 -4.75 -4.21 1.05
CA VAL A 46 -3.70 -3.76 1.96
C VAL A 46 -3.08 -2.51 1.37
N LEU A 47 -2.20 -1.87 2.12
CA LEU A 47 -1.47 -0.68 1.64
C LEU A 47 -0.12 -1.28 1.11
N PRO A 48 0.76 -0.44 0.55
CA PRO A 48 2.05 -0.95 0.04
C PRO A 48 2.78 -1.76 1.10
N LEU A 49 3.43 -2.86 0.67
CA LEU A 49 4.10 -3.76 1.58
C LEU A 49 5.61 -3.65 1.65
N GLY A 50 6.17 -2.54 1.14
CA GLY A 50 7.63 -2.38 1.12
C GLY A 50 8.24 -1.92 2.43
N PRO A 51 9.56 -2.04 2.58
CA PRO A 51 10.26 -1.63 3.80
C PRO A 51 10.13 -0.11 3.97
N THR A 52 9.93 0.32 5.22
CA THR A 52 9.69 1.74 5.49
C THR A 52 10.80 2.39 6.29
N GLY A 53 10.80 3.72 6.22
CA GLY A 53 11.79 4.51 6.93
C GLY A 53 11.16 5.39 7.99
N TYR A 54 11.82 6.52 8.28
CA TYR A 54 11.32 7.43 9.30
C TYR A 54 9.92 7.94 8.95
N GLY A 55 9.00 7.89 9.91
CA GLY A 55 7.65 8.34 9.61
C GLY A 55 6.75 7.15 9.32
N ASP A 56 7.36 6.03 8.94
CA ASP A 56 6.66 4.77 8.74
C ASP A 56 5.60 4.67 7.65
N SER A 57 5.62 5.60 6.72
CA SER A 57 4.65 5.54 5.67
C SER A 57 4.94 4.45 4.64
N PRO A 58 3.94 3.63 4.33
CA PRO A 58 4.06 2.56 3.33
C PRO A 58 4.31 3.18 1.95
N TYR A 59 3.92 4.45 1.80
CA TYR A 59 4.05 5.13 0.50
C TYR A 59 5.40 5.74 0.22
N GLN A 60 6.38 5.49 1.07
CA GLN A 60 7.72 6.04 0.90
C GLN A 60 8.62 4.87 1.26
N SER A 61 8.80 3.95 0.35
CA SER A 61 9.57 2.75 0.63
C SER A 61 11.00 2.75 0.09
N PHE A 62 11.87 2.04 0.80
CA PHE A 62 13.26 1.90 0.37
C PHE A 62 13.33 1.08 -0.94
N SER A 63 12.23 0.42 -1.32
CA SER A 63 12.26 -0.39 -2.55
C SER A 63 10.90 -0.60 -3.15
N ALA A 64 10.86 -0.65 -4.48
CA ALA A 64 9.62 -0.88 -5.19
C ALA A 64 9.40 -2.39 -5.30
N PHE A 65 10.37 -3.18 -4.83
CA PHE A 65 10.26 -4.62 -4.93
C PHE A 65 10.30 -5.39 -3.60
N ALA A 66 11.06 -4.89 -2.64
CA ALA A 66 11.25 -5.59 -1.37
C ALA A 66 10.02 -5.60 -0.48
N GLY A 67 9.98 -6.55 0.43
CA GLY A 67 8.87 -6.67 1.37
C GLY A 67 9.33 -6.10 2.70
N ASN A 68 8.38 -5.59 3.45
CA ASN A 68 8.61 -4.96 4.76
C ASN A 68 9.06 -5.99 5.83
N PRO A 69 10.31 -5.90 6.29
CA PRO A 69 10.74 -6.87 7.31
C PRO A 69 9.89 -6.84 8.58
N TYR A 70 9.28 -5.70 8.90
CA TYR A 70 8.42 -5.64 10.11
C TYR A 70 7.24 -6.59 10.01
N LEU A 71 6.87 -7.02 8.81
CA LEU A 71 5.73 -7.93 8.68
C LEU A 71 6.13 -9.40 8.88
N ILE A 72 7.43 -9.65 9.06
CA ILE A 72 7.87 -11.03 9.25
C ILE A 72 7.43 -11.60 10.59
N ASP A 73 6.80 -12.76 10.57
CA ASP A 73 6.38 -13.40 11.80
C ASP A 73 7.65 -14.05 12.36
N LEU A 74 8.05 -13.66 13.55
CA LEU A 74 9.25 -14.19 14.17
C LEU A 74 9.05 -15.54 14.85
N ARG A 75 7.80 -15.92 15.10
CA ARG A 75 7.52 -17.17 15.80
C ARG A 75 8.07 -18.42 15.12
N PRO A 76 7.87 -18.56 13.81
CA PRO A 76 8.41 -19.76 13.17
C PRO A 76 9.92 -19.88 13.38
N LEU A 77 10.59 -18.74 13.55
CA LEU A 77 12.03 -18.73 13.73
C LEU A 77 12.41 -19.12 15.16
N ALA A 78 11.68 -18.57 16.12
CA ALA A 78 11.94 -18.86 17.52
C ALA A 78 11.67 -20.34 17.73
N GLU A 79 10.70 -20.88 17.01
CA GLU A 79 10.34 -22.30 17.16
C GLU A 79 11.41 -23.27 16.68
N ARG A 80 12.24 -22.82 15.75
CA ARG A 80 13.31 -23.66 15.26
C ARG A 80 14.59 -23.34 16.06
N GLY A 81 14.45 -22.47 17.06
CA GLY A 81 15.57 -22.11 17.92
C GLY A 81 16.52 -21.05 17.41
N TYR A 82 16.19 -20.45 16.26
CA TYR A 82 17.04 -19.43 15.68
C TYR A 82 17.10 -18.15 16.50
N VAL A 83 16.16 -17.98 17.41
CA VAL A 83 16.11 -16.75 18.20
C VAL A 83 15.17 -16.87 19.41
N ARG A 84 15.52 -16.17 20.48
CA ARG A 84 14.72 -16.15 21.70
C ARG A 84 14.02 -14.81 21.77
N LEU A 85 12.70 -14.82 21.66
CA LEU A 85 11.94 -13.59 21.69
C LEU A 85 11.55 -13.15 23.10
N GLU A 86 11.70 -11.86 23.36
CA GLU A 86 11.34 -11.29 24.66
C GLU A 86 10.63 -9.96 24.45
N ASP A 87 9.33 -9.92 24.79
CA ASP A 87 8.55 -8.70 24.63
C ASP A 87 9.12 -7.58 25.48
N PRO A 88 9.63 -6.52 24.84
CA PRO A 88 10.20 -5.42 25.62
C PRO A 88 9.12 -4.50 26.20
N GLY A 89 7.85 -4.79 25.91
CA GLY A 89 6.78 -3.94 26.42
C GLY A 89 5.98 -3.20 25.35
N PHE A 90 5.61 -3.93 24.30
CA PHE A 90 4.83 -3.35 23.23
C PHE A 90 3.42 -3.06 23.73
N PRO A 91 2.85 -1.90 23.35
CA PRO A 91 1.50 -1.53 23.77
C PRO A 91 0.42 -2.35 23.05
N GLN A 92 -0.83 -2.08 23.39
CA GLN A 92 -1.97 -2.75 22.78
C GLN A 92 -2.61 -1.72 21.87
N GLY A 93 -3.25 -2.19 20.80
CA GLY A 93 -3.94 -1.31 19.90
C GLY A 93 -3.14 -0.39 19.02
N ARG A 94 -1.83 -0.45 19.05
CA ARG A 94 -1.08 0.43 18.15
C ARG A 94 0.35 -0.05 18.02
N VAL A 95 0.96 0.32 16.90
CA VAL A 95 2.35 -0.04 16.69
C VAL A 95 3.22 1.09 17.21
N ASP A 96 4.15 0.77 18.11
CA ASP A 96 5.09 1.78 18.59
C ASP A 96 6.26 1.52 17.64
N TYR A 97 6.37 2.33 16.58
CA TYR A 97 7.43 2.10 15.60
C TYR A 97 8.82 2.33 16.14
N GLY A 98 8.95 3.23 17.11
CA GLY A 98 10.26 3.48 17.69
C GLY A 98 10.76 2.21 18.36
N LEU A 99 9.90 1.58 19.14
CA LEU A 99 10.27 0.36 19.83
C LEU A 99 10.46 -0.81 18.87
N LEU A 100 9.63 -0.84 17.83
CA LEU A 100 9.73 -1.91 16.86
C LEU A 100 11.07 -1.79 16.11
N TYR A 101 11.47 -0.57 15.79
CA TYR A 101 12.74 -0.37 15.11
C TYR A 101 13.90 -0.81 16.01
N ALA A 102 13.81 -0.44 17.29
CA ALA A 102 14.87 -0.77 18.24
C ALA A 102 14.94 -2.27 18.59
N TRP A 103 13.80 -2.94 18.56
CA TRP A 103 13.75 -4.34 18.95
C TRP A 103 13.66 -5.38 17.86
N LYS A 104 12.88 -5.10 16.83
CA LYS A 104 12.69 -6.08 15.78
C LYS A 104 13.91 -6.27 14.87
N TRP A 105 14.63 -5.20 14.58
CA TRP A 105 15.80 -5.37 13.73
C TRP A 105 16.79 -6.31 14.46
N PRO A 106 17.08 -6.05 15.74
CA PRO A 106 18.02 -6.98 16.40
C PRO A 106 17.43 -8.40 16.47
N ALA A 107 16.12 -8.55 16.66
CA ALA A 107 15.58 -9.89 16.72
C ALA A 107 15.74 -10.62 15.38
N LEU A 108 15.59 -9.88 14.28
CA LEU A 108 15.78 -10.49 12.95
C LEU A 108 17.27 -10.86 12.76
N LYS A 109 18.15 -9.97 13.21
CA LYS A 109 19.59 -10.20 13.09
C LYS A 109 19.97 -11.42 13.91
N GLU A 110 19.47 -11.52 15.14
CA GLU A 110 19.79 -12.69 15.95
C GLU A 110 19.25 -13.94 15.27
N ALA A 111 18.04 -13.85 14.73
CA ALA A 111 17.43 -14.99 14.07
C ALA A 111 18.29 -15.47 12.90
N PHE A 112 18.88 -14.52 12.17
CA PHE A 112 19.73 -14.86 11.03
C PHE A 112 20.98 -15.58 11.53
N ARG A 113 21.52 -15.15 12.65
CA ARG A 113 22.70 -15.79 13.23
C ARG A 113 22.33 -17.23 13.63
N GLY A 114 21.18 -17.39 14.28
CA GLY A 114 20.75 -18.71 14.68
C GLY A 114 20.52 -19.59 13.48
N PHE A 115 20.00 -18.98 12.41
CA PHE A 115 19.71 -19.70 11.17
C PHE A 115 20.99 -20.23 10.54
N LYS A 116 22.00 -19.39 10.45
CA LYS A 116 23.26 -19.82 9.86
C LYS A 116 23.85 -20.97 10.67
N GLU A 117 23.61 -20.95 11.98
CA GLU A 117 24.14 -22.01 12.84
C GLU A 117 23.32 -23.30 12.87
N LYS A 118 22.00 -23.21 12.82
CA LYS A 118 21.16 -24.39 12.92
C LYS A 118 20.31 -24.82 11.73
N ALA A 119 20.15 -23.95 10.75
CA ALA A 119 19.32 -24.30 9.61
C ALA A 119 19.66 -25.63 8.97
N SER A 120 18.63 -26.30 8.49
CA SER A 120 18.79 -27.57 7.82
C SER A 120 19.28 -27.31 6.38
N PRO A 121 19.78 -28.35 5.70
CA PRO A 121 20.26 -28.19 4.32
C PRO A 121 19.16 -27.73 3.39
N GLU A 122 17.93 -28.17 3.69
CA GLU A 122 16.83 -27.79 2.83
C GLU A 122 16.54 -26.30 2.94
N GLU A 123 16.66 -25.75 4.14
CA GLU A 123 16.41 -24.33 4.33
C GLU A 123 17.52 -23.52 3.69
N ARG A 124 18.77 -23.96 3.87
CA ARG A 124 19.91 -23.26 3.29
C ARG A 124 19.75 -23.25 1.77
N GLU A 125 19.40 -24.40 1.22
CA GLU A 125 19.18 -24.49 -0.22
C GLU A 125 18.09 -23.58 -0.70
N ALA A 126 16.96 -23.57 -0.01
CA ALA A 126 15.83 -22.76 -0.43
C ALA A 126 16.18 -21.27 -0.44
N PHE A 127 16.87 -20.83 0.60
CA PHE A 127 17.27 -19.44 0.72
C PHE A 127 18.24 -19.11 -0.42
N ALA A 128 19.19 -20.01 -0.68
CA ALA A 128 20.16 -19.72 -1.74
C ALA A 128 19.44 -19.63 -3.06
N ALA A 129 18.47 -20.52 -3.26
CA ALA A 129 17.73 -20.55 -4.51
C ALA A 129 16.95 -19.25 -4.68
N PHE A 130 16.42 -18.75 -3.56
CA PHE A 130 15.65 -17.52 -3.55
C PHE A 130 16.56 -16.34 -3.97
N ARG A 131 17.74 -16.27 -3.36
CA ARG A 131 18.69 -15.21 -3.71
C ARG A 131 18.98 -15.27 -5.20
N GLU A 132 19.14 -16.46 -5.77
CA GLU A 132 19.39 -16.51 -7.21
C GLU A 132 18.24 -16.03 -8.07
N ARG A 133 17.04 -16.53 -7.78
CA ARG A 133 15.90 -16.17 -8.58
C ARG A 133 15.60 -14.67 -8.54
N GLU A 134 15.76 -14.07 -7.37
CA GLU A 134 15.41 -12.66 -7.19
C GLU A 134 16.55 -11.67 -7.37
N ALA A 135 17.73 -12.18 -7.71
CA ALA A 135 18.92 -11.35 -7.85
C ALA A 135 18.72 -10.06 -8.65
N TRP A 136 17.88 -10.13 -9.68
CA TRP A 136 17.68 -8.99 -10.55
C TRP A 136 17.19 -7.74 -9.79
N TRP A 137 16.62 -7.92 -8.61
CA TRP A 137 16.28 -6.73 -7.81
C TRP A 137 16.89 -6.88 -6.42
N LEU A 138 17.07 -8.12 -5.96
CA LEU A 138 17.59 -8.35 -4.61
C LEU A 138 19.03 -7.94 -4.38
N GLU A 139 19.88 -8.09 -5.39
CA GLU A 139 21.28 -7.70 -5.21
C GLU A 139 21.34 -6.21 -4.86
N ASP A 140 20.59 -5.39 -5.59
CA ASP A 140 20.61 -3.95 -5.36
C ASP A 140 19.93 -3.60 -4.04
N TYR A 141 18.80 -4.24 -3.76
CA TYR A 141 18.11 -3.93 -2.50
C TYR A 141 18.94 -4.30 -1.28
N ALA A 142 19.50 -5.51 -1.28
CA ALA A 142 20.28 -5.93 -0.10
C ALA A 142 21.54 -5.07 0.10
N LEU A 143 22.21 -4.70 -1.00
CA LEU A 143 23.43 -3.89 -0.89
C LEU A 143 23.03 -2.48 -0.51
N PHE A 144 21.88 -2.03 -1.03
CA PHE A 144 21.39 -0.69 -0.70
C PHE A 144 21.18 -0.59 0.82
N MET A 145 20.50 -1.57 1.39
CA MET A 145 20.22 -1.55 2.83
C MET A 145 21.50 -1.74 3.66
N ALA A 146 22.42 -2.56 3.17
CA ALA A 146 23.68 -2.74 3.91
C ALA A 146 24.45 -1.43 3.89
N LEU A 147 24.54 -0.79 2.71
CA LEU A 147 25.24 0.48 2.63
C LEU A 147 24.55 1.53 3.51
N LYS A 148 23.23 1.55 3.49
CA LYS A 148 22.50 2.50 4.31
C LYS A 148 22.86 2.30 5.80
N GLY A 149 22.91 1.06 6.23
CA GLY A 149 23.25 0.78 7.61
C GLY A 149 24.71 1.12 7.93
N ALA A 150 25.58 1.02 6.93
CA ALA A 150 26.99 1.32 7.14
C ALA A 150 27.26 2.82 7.08
N HIS A 151 26.34 3.59 6.52
CA HIS A 151 26.52 5.02 6.44
C HIS A 151 25.51 5.79 7.29
N GLY A 152 25.27 5.27 8.50
CA GLY A 152 24.37 5.90 9.45
C GLY A 152 22.95 6.22 9.00
N GLY A 153 22.39 5.40 8.11
CA GLY A 153 21.04 5.66 7.64
C GLY A 153 20.95 6.76 6.60
N LEU A 154 22.07 7.27 6.12
CA LEU A 154 22.03 8.32 5.09
C LEU A 154 21.32 7.85 3.79
N PRO A 155 20.69 8.79 3.06
CA PRO A 155 20.03 8.42 1.82
C PRO A 155 21.15 8.12 0.83
N TRP A 156 20.85 7.25 -0.14
CA TRP A 156 21.86 6.86 -1.09
C TRP A 156 22.52 8.04 -1.79
N ASN A 157 21.78 9.12 -2.05
CA ASN A 157 22.44 10.20 -2.74
C ASN A 157 23.22 11.14 -1.83
N ARG A 158 23.56 10.66 -0.64
CA ARG A 158 24.42 11.40 0.27
C ARG A 158 25.60 10.48 0.63
N TRP A 159 25.64 9.30 0.01
CA TRP A 159 26.77 8.38 0.26
C TRP A 159 28.00 8.84 -0.52
N PRO A 160 29.20 8.34 -0.12
CA PRO A 160 30.42 8.71 -0.85
C PRO A 160 30.15 8.48 -2.33
N LEU A 161 30.72 9.33 -3.16
CA LEU A 161 30.48 9.28 -4.60
C LEU A 161 30.69 7.94 -5.30
N PRO A 162 31.78 7.22 -4.98
CA PRO A 162 31.99 5.93 -5.68
C PRO A 162 30.79 4.97 -5.47
N LEU A 163 30.22 4.99 -4.28
CA LEU A 163 29.11 4.10 -3.97
C LEU A 163 27.80 4.67 -4.52
N ARG A 164 27.64 5.99 -4.36
CA ARG A 164 26.45 6.69 -4.83
C ARG A 164 26.31 6.50 -6.33
N LYS A 165 27.43 6.62 -7.04
CA LYS A 165 27.44 6.53 -8.49
C LYS A 165 27.67 5.10 -8.99
N ARG A 166 27.70 4.16 -8.07
CA ARG A 166 27.83 2.76 -8.44
C ARG A 166 29.02 2.39 -9.32
N GLU A 167 30.19 2.87 -8.93
CA GLU A 167 31.40 2.52 -9.66
C GLU A 167 31.55 1.04 -9.33
N GLU A 168 31.71 0.22 -10.37
CA GLU A 168 31.78 -1.21 -10.17
C GLU A 168 32.79 -1.70 -9.15
N LYS A 169 33.99 -1.17 -9.21
CA LYS A 169 35.02 -1.61 -8.31
C LYS A 169 34.63 -1.33 -6.86
N ALA A 170 34.09 -0.14 -6.63
CA ALA A 170 33.69 0.27 -5.30
C ALA A 170 32.51 -0.57 -4.81
N LEU A 171 31.56 -0.87 -5.69
CA LEU A 171 30.40 -1.68 -5.29
C LEU A 171 30.84 -3.09 -4.94
N ARG A 172 31.74 -3.66 -5.73
CA ARG A 172 32.24 -5.00 -5.44
C ARG A 172 32.94 -5.05 -4.09
N GLU A 173 33.77 -4.05 -3.79
CA GLU A 173 34.46 -4.02 -2.49
C GLU A 173 33.44 -3.90 -1.37
N ALA A 174 32.47 -3.01 -1.53
CA ALA A 174 31.46 -2.83 -0.49
C ALA A 174 30.65 -4.12 -0.26
N LYS A 175 30.25 -4.76 -1.36
CA LYS A 175 29.46 -6.00 -1.31
C LYS A 175 30.30 -7.04 -0.57
N SER A 176 31.61 -7.01 -0.79
CA SER A 176 32.46 -7.97 -0.11
C SER A 176 32.58 -7.64 1.40
N ALA A 177 32.84 -6.38 1.71
CA ALA A 177 33.01 -5.94 3.09
C ALA A 177 31.72 -6.10 3.91
N LEU A 178 30.59 -5.96 3.23
CA LEU A 178 29.28 -6.05 3.87
C LEU A 178 28.56 -7.36 3.54
N ALA A 179 29.32 -8.39 3.21
CA ALA A 179 28.73 -9.67 2.82
C ALA A 179 27.66 -10.20 3.75
N GLU A 180 27.91 -10.16 5.06
CA GLU A 180 26.95 -10.68 6.00
C GLU A 180 25.73 -9.76 6.16
N GLU A 181 25.94 -8.47 5.97
CA GLU A 181 24.84 -7.53 6.08
C GLU A 181 23.95 -7.66 4.85
N VAL A 182 24.58 -7.92 3.70
CA VAL A 182 23.85 -8.11 2.48
C VAL A 182 23.04 -9.40 2.61
N ALA A 183 23.69 -10.48 3.07
CA ALA A 183 22.98 -11.76 3.22
C ALA A 183 21.81 -11.60 4.20
N PHE A 184 22.02 -10.84 5.28
CA PHE A 184 20.99 -10.61 6.29
C PHE A 184 19.74 -9.95 5.65
N HIS A 185 19.95 -8.89 4.89
CA HIS A 185 18.80 -8.25 4.25
C HIS A 185 18.16 -9.19 3.28
N ALA A 186 18.96 -9.99 2.57
CA ALA A 186 18.39 -10.97 1.64
C ALA A 186 17.56 -12.00 2.45
N PHE A 187 18.02 -12.31 3.65
CA PHE A 187 17.34 -13.26 4.53
C PHE A 187 15.96 -12.66 4.93
N THR A 188 15.91 -11.38 5.32
CA THR A 188 14.61 -10.77 5.65
C THR A 188 13.64 -10.88 4.45
N GLN A 189 14.17 -10.80 3.24
CA GLN A 189 13.31 -10.88 2.05
C GLN A 189 12.81 -12.29 1.84
N TRP A 190 13.71 -13.25 1.92
CA TRP A 190 13.33 -14.65 1.74
C TRP A 190 12.21 -14.94 2.76
N LEU A 191 12.38 -14.55 4.02
CA LEU A 191 11.31 -14.81 4.99
C LEU A 191 10.03 -14.09 4.60
N PHE A 192 10.13 -12.82 4.25
CA PHE A 192 8.92 -12.08 3.89
C PHE A 192 8.16 -12.75 2.74
N PHE A 193 8.85 -13.11 1.66
CA PHE A 193 8.13 -13.70 0.52
C PHE A 193 7.60 -15.10 0.74
N ARG A 194 8.30 -15.85 1.57
CA ARG A 194 7.87 -17.21 1.92
C ARG A 194 6.56 -17.06 2.69
N GLN A 195 6.56 -16.20 3.71
CA GLN A 195 5.37 -16.00 4.51
C GLN A 195 4.22 -15.39 3.71
N TRP A 196 4.52 -14.42 2.85
CA TRP A 196 3.43 -13.84 2.07
C TRP A 196 2.89 -14.89 1.12
N GLY A 197 3.78 -15.69 0.52
CA GLY A 197 3.31 -16.72 -0.40
C GLY A 197 2.37 -17.70 0.28
N ALA A 198 2.70 -18.07 1.51
CA ALA A 198 1.86 -19.00 2.27
C ALA A 198 0.50 -18.34 2.55
N LEU A 199 0.53 -17.06 2.92
CA LEU A 199 -0.71 -16.34 3.25
C LEU A 199 -1.56 -16.21 2.01
N LYS A 200 -0.92 -15.95 0.88
CA LYS A 200 -1.65 -15.81 -0.38
C LYS A 200 -2.35 -17.14 -0.72
N ALA A 201 -1.68 -18.26 -0.45
CA ALA A 201 -2.27 -19.56 -0.74
C ALA A 201 -3.49 -19.77 0.18
N GLU A 202 -3.38 -19.30 1.41
CA GLU A 202 -4.48 -19.41 2.36
C GLU A 202 -5.68 -18.58 1.85
N ALA A 203 -5.40 -17.37 1.41
CA ALA A 203 -6.45 -16.52 0.89
C ALA A 203 -7.14 -17.21 -0.26
N GLU A 204 -6.34 -17.75 -1.18
CA GLU A 204 -6.89 -18.44 -2.34
C GLU A 204 -7.71 -19.67 -1.94
N ALA A 205 -7.24 -20.40 -0.93
CA ALA A 205 -7.99 -21.58 -0.47
C ALA A 205 -9.35 -21.12 0.10
N LEU A 206 -9.39 -19.89 0.60
CA LEU A 206 -10.61 -19.31 1.18
C LEU A 206 -11.44 -18.50 0.17
N GLY A 207 -11.04 -18.52 -1.10
CA GLY A 207 -11.80 -17.78 -2.09
C GLY A 207 -11.61 -16.27 -2.02
N ILE A 208 -10.53 -15.85 -1.37
CA ILE A 208 -10.25 -14.44 -1.21
C ILE A 208 -9.19 -13.92 -2.17
N ARG A 209 -9.46 -12.74 -2.74
CA ARG A 209 -8.51 -12.09 -3.65
C ARG A 209 -7.86 -10.94 -2.89
N ILE A 210 -6.54 -10.76 -3.06
CA ILE A 210 -5.87 -9.70 -2.35
C ILE A 210 -5.60 -8.52 -3.28
N ILE A 211 -5.97 -7.33 -2.82
CA ILE A 211 -5.74 -6.14 -3.60
C ILE A 211 -4.53 -5.49 -2.96
N GLY A 212 -3.43 -5.41 -3.71
CA GLY A 212 -2.23 -4.79 -3.22
C GLY A 212 -2.29 -3.32 -3.62
N ASP A 213 -1.25 -2.57 -3.30
CA ASP A 213 -1.26 -1.14 -3.55
C ASP A 213 0.13 -0.71 -3.98
N MET A 214 0.23 0.00 -5.09
CA MET A 214 1.54 0.46 -5.51
C MET A 214 1.46 1.90 -5.95
N PRO A 215 2.23 2.74 -5.27
CA PRO A 215 2.18 4.13 -5.69
C PRO A 215 2.76 4.30 -7.11
N ILE A 216 2.18 5.21 -7.90
CA ILE A 216 2.70 5.34 -9.25
C ILE A 216 4.20 5.75 -9.24
N PHE A 217 4.56 6.65 -8.32
CA PHE A 217 5.95 7.12 -8.20
C PHE A 217 6.67 6.43 -7.03
N VAL A 218 7.95 6.12 -7.23
CA VAL A 218 8.70 5.46 -6.18
C VAL A 218 9.31 6.55 -5.31
N ALA A 219 10.07 6.14 -4.31
CA ALA A 219 10.64 7.08 -3.41
C ALA A 219 12.06 7.47 -3.85
N GLU A 220 12.45 8.71 -3.51
CA GLU A 220 13.77 9.19 -3.84
C GLU A 220 14.87 8.28 -3.25
N ASP A 221 14.76 8.05 -1.95
CA ASP A 221 15.76 7.25 -1.25
C ASP A 221 15.40 5.78 -1.31
N SER A 222 15.62 5.17 -2.48
CA SER A 222 15.27 3.78 -2.66
C SER A 222 16.29 3.05 -3.54
N ALA A 223 16.35 1.73 -3.36
CA ALA A 223 17.31 0.92 -4.10
C ALA A 223 17.25 1.05 -5.62
N GLU A 224 16.05 1.06 -6.19
CA GLU A 224 15.89 1.11 -7.63
C GLU A 224 16.24 2.46 -8.26
N VAL A 225 16.05 3.53 -7.50
CA VAL A 225 16.41 4.84 -8.01
C VAL A 225 17.95 4.90 -8.01
N TRP A 226 18.55 4.45 -6.92
CA TRP A 226 20.02 4.42 -6.82
C TRP A 226 20.62 3.55 -7.95
N ALA A 227 20.01 2.38 -8.18
CA ALA A 227 20.50 1.46 -9.19
C ALA A 227 20.18 1.80 -10.64
N HIS A 228 19.16 2.62 -10.86
CA HIS A 228 18.73 2.97 -12.20
C HIS A 228 18.55 4.47 -12.37
N PRO A 229 19.64 5.22 -12.23
CA PRO A 229 19.51 6.67 -12.39
C PRO A 229 19.01 7.02 -13.77
N GLU A 230 19.25 6.13 -14.73
CA GLU A 230 18.81 6.37 -16.11
C GLU A 230 17.30 6.41 -16.27
N TRP A 231 16.56 5.86 -15.29
CA TRP A 231 15.11 5.87 -15.40
C TRP A 231 14.43 7.05 -14.72
N PHE A 232 15.21 7.91 -14.08
CA PHE A 232 14.65 9.03 -13.34
C PHE A 232 15.37 10.35 -13.64
N HIS A 233 14.64 11.46 -13.47
CA HIS A 233 15.21 12.78 -13.72
C HIS A 233 16.02 13.24 -12.53
N LEU A 234 17.30 12.86 -12.54
CA LEU A 234 18.22 13.23 -11.49
C LEU A 234 19.38 13.97 -12.14
N ASP A 235 20.13 14.73 -11.35
CA ASP A 235 21.32 15.39 -11.87
C ASP A 235 22.47 14.42 -11.61
N GLU A 236 23.70 14.82 -11.90
CA GLU A 236 24.84 13.93 -11.74
C GLU A 236 25.09 13.53 -10.30
N GLU A 237 24.60 14.32 -9.36
CA GLU A 237 24.82 13.95 -7.97
C GLU A 237 23.66 13.11 -7.39
N GLY A 238 22.75 12.68 -8.27
CA GLY A 238 21.63 11.87 -7.83
C GLY A 238 20.47 12.67 -7.25
N ARG A 239 20.49 13.99 -7.41
CA ARG A 239 19.37 14.80 -6.90
C ARG A 239 18.27 14.95 -7.93
N PRO A 240 17.00 14.76 -7.51
CA PRO A 240 15.94 14.93 -8.49
C PRO A 240 16.00 16.37 -9.04
N THR A 241 15.80 16.54 -10.35
CA THR A 241 15.81 17.89 -10.93
C THR A 241 14.36 18.37 -10.97
N VAL A 242 13.41 17.43 -10.96
CA VAL A 242 11.98 17.73 -10.92
C VAL A 242 11.38 16.71 -9.93
N VAL A 243 10.25 17.05 -9.32
CA VAL A 243 9.65 16.12 -8.34
C VAL A 243 8.15 16.10 -8.56
N ALA A 244 7.54 15.06 -8.04
CA ALA A 244 6.12 14.87 -8.20
C ALA A 244 5.31 15.72 -7.21
N GLY A 245 4.03 15.85 -7.53
CA GLY A 245 3.12 16.59 -6.68
C GLY A 245 1.87 16.90 -7.48
N VAL A 246 1.05 17.78 -6.94
CA VAL A 246 -0.16 18.21 -7.62
C VAL A 246 -0.26 19.72 -7.45
N PRO A 247 -0.81 20.39 -8.47
CA PRO A 247 -0.93 21.85 -8.44
C PRO A 247 -1.90 22.44 -7.44
N PRO A 248 -1.75 23.74 -7.15
CA PRO A 248 -2.66 24.40 -6.21
C PRO A 248 -4.05 24.30 -6.83
N ASP A 249 -5.07 24.48 -6.01
CA ASP A 249 -6.45 24.47 -6.49
C ASP A 249 -7.26 25.16 -5.39
N TYR A 250 -8.58 25.24 -5.58
CA TYR A 250 -9.44 25.89 -4.60
C TYR A 250 -9.07 25.54 -3.15
N PHE A 251 -8.68 24.28 -2.92
CA PHE A 251 -8.32 23.81 -1.58
C PHE A 251 -7.00 24.38 -1.06
N SER A 252 -5.95 24.33 -1.89
CA SER A 252 -4.65 24.83 -1.46
C SER A 252 -3.97 25.67 -2.53
N GLU A 253 -3.60 26.89 -2.18
CA GLU A 253 -2.95 27.78 -3.12
C GLU A 253 -1.47 27.46 -3.17
N THR A 254 -1.07 26.35 -2.56
CA THR A 254 0.34 25.96 -2.54
C THR A 254 0.53 24.61 -3.23
N GLY A 255 -0.57 23.87 -3.34
CA GLY A 255 -0.55 22.56 -3.97
C GLY A 255 0.24 21.61 -3.08
N GLN A 256 0.56 20.43 -3.59
CA GLN A 256 1.34 19.48 -2.82
C GLN A 256 2.61 19.10 -3.55
N ARG A 257 3.73 19.24 -2.84
CA ARG A 257 5.03 18.87 -3.37
C ARG A 257 5.33 17.58 -2.64
N TRP A 258 5.14 16.46 -3.33
CA TRP A 258 5.40 15.15 -2.72
C TRP A 258 6.87 14.83 -2.63
N GLY A 259 7.63 15.25 -3.63
CA GLY A 259 9.08 15.03 -3.60
C GLY A 259 9.59 13.84 -4.36
N ASN A 260 8.71 12.96 -4.80
CA ASN A 260 9.12 11.76 -5.54
C ASN A 260 9.86 12.05 -6.84
N PRO A 261 10.86 11.22 -7.17
CA PRO A 261 11.61 11.39 -8.41
C PRO A 261 10.57 11.00 -9.47
N LEU A 262 10.75 11.53 -10.67
CA LEU A 262 9.87 11.31 -11.79
C LEU A 262 10.59 10.49 -12.83
N TYR A 263 9.83 9.68 -13.55
CA TYR A 263 10.36 8.80 -14.60
C TYR A 263 10.82 9.47 -15.87
N ARG A 264 11.86 8.93 -16.49
CA ARG A 264 12.29 9.40 -17.79
C ARG A 264 11.43 8.49 -18.68
N TRP A 265 10.23 8.95 -18.98
CA TRP A 265 9.31 8.16 -19.77
C TRP A 265 9.81 7.76 -21.15
N ASP A 266 10.62 8.61 -21.77
CA ASP A 266 11.13 8.28 -23.09
C ASP A 266 12.08 7.11 -22.93
N VAL A 267 12.93 7.15 -21.89
CA VAL A 267 13.82 6.02 -21.68
C VAL A 267 13.06 4.73 -21.38
N LEU A 268 12.01 4.82 -20.55
CA LEU A 268 11.24 3.62 -20.23
C LEU A 268 10.56 3.08 -21.48
N GLU A 269 10.01 3.96 -22.30
CA GLU A 269 9.34 3.49 -23.52
C GLU A 269 10.32 2.76 -24.43
N ARG A 270 11.50 3.34 -24.60
CA ARG A 270 12.55 2.75 -25.43
C ARG A 270 12.91 1.35 -24.91
N GLU A 271 12.81 1.15 -23.59
CA GLU A 271 13.11 -0.15 -22.97
C GLU A 271 11.87 -1.06 -22.82
N GLY A 272 10.82 -0.77 -23.58
CA GLY A 272 9.63 -1.61 -23.47
C GLY A 272 9.01 -1.56 -22.09
N PHE A 273 9.18 -0.43 -21.41
CA PHE A 273 8.62 -0.22 -20.09
C PHE A 273 9.06 -1.29 -19.11
N SER A 274 10.25 -1.84 -19.33
CA SER A 274 10.79 -2.87 -18.47
C SER A 274 10.59 -2.63 -16.96
N PHE A 275 10.88 -1.43 -16.46
CA PHE A 275 10.71 -1.19 -15.02
C PHE A 275 9.30 -1.51 -14.53
N TRP A 276 8.31 -1.01 -15.28
CA TRP A 276 6.91 -1.21 -14.98
C TRP A 276 6.48 -2.66 -15.16
N ILE A 277 6.98 -3.31 -16.22
CA ILE A 277 6.61 -4.70 -16.44
C ILE A 277 7.12 -5.50 -15.26
N ARG A 278 8.38 -5.24 -14.87
CA ARG A 278 8.97 -5.93 -13.73
C ARG A 278 8.20 -5.63 -12.44
N ARG A 279 7.87 -4.38 -12.27
CA ARG A 279 7.18 -3.96 -11.07
C ARG A 279 5.85 -4.74 -10.97
N LEU A 280 5.11 -4.79 -12.08
CA LEU A 280 3.84 -5.50 -12.08
C LEU A 280 3.97 -7.03 -11.98
N GLU A 281 5.00 -7.58 -12.60
CA GLU A 281 5.21 -9.00 -12.51
C GLU A 281 5.44 -9.37 -11.05
N LYS A 282 6.28 -8.59 -10.35
CA LYS A 282 6.56 -8.90 -8.95
C LYS A 282 5.28 -8.74 -8.11
N ALA A 283 4.54 -7.67 -8.36
CA ALA A 283 3.32 -7.43 -7.62
C ALA A 283 2.28 -8.53 -7.88
N LEU A 284 2.24 -9.05 -9.11
CA LEU A 284 1.26 -10.09 -9.42
C LEU A 284 1.62 -11.45 -8.78
N GLU A 285 2.82 -11.54 -8.22
CA GLU A 285 3.20 -12.73 -7.51
C GLU A 285 2.56 -12.66 -6.12
N LEU A 286 2.28 -11.43 -5.68
CA LEU A 286 1.72 -11.23 -4.35
C LEU A 286 0.24 -10.95 -4.30
N PHE A 287 -0.27 -10.29 -5.34
CA PHE A 287 -1.66 -9.87 -5.35
C PHE A 287 -2.42 -10.30 -6.59
N HIS A 288 -3.75 -10.31 -6.48
CA HIS A 288 -4.61 -10.61 -7.60
C HIS A 288 -4.96 -9.34 -8.35
N LEU A 289 -5.03 -8.22 -7.64
CA LEU A 289 -5.33 -6.92 -8.21
C LEU A 289 -4.37 -5.94 -7.59
N VAL A 290 -4.00 -4.91 -8.35
CA VAL A 290 -3.07 -3.89 -7.87
C VAL A 290 -3.72 -2.52 -7.95
N ARG A 291 -3.86 -1.85 -6.82
CA ARG A 291 -4.40 -0.51 -6.88
C ARG A 291 -3.18 0.38 -7.09
N ILE A 292 -3.25 1.27 -8.06
CA ILE A 292 -2.14 2.19 -8.30
C ILE A 292 -2.55 3.58 -7.86
N ASP A 293 -1.83 4.14 -6.89
CA ASP A 293 -2.15 5.48 -6.38
C ASP A 293 -1.73 6.51 -7.41
N HIS A 294 -2.54 7.55 -7.51
CA HIS A 294 -2.35 8.64 -8.47
C HIS A 294 -2.24 8.11 -9.90
N PHE A 295 -3.18 7.26 -10.24
CA PHE A 295 -3.28 6.67 -11.57
C PHE A 295 -3.28 7.72 -12.71
N ARG A 296 -3.84 8.90 -12.43
CA ARG A 296 -3.93 9.96 -13.43
C ARG A 296 -2.53 10.36 -13.96
N GLY A 297 -1.50 10.07 -13.19
CA GLY A 297 -0.13 10.38 -13.62
C GLY A 297 0.31 9.61 -14.86
N PHE A 298 -0.39 8.55 -15.22
CA PHE A 298 -0.05 7.79 -16.42
C PHE A 298 -0.55 8.57 -17.64
N GLU A 299 -1.44 9.51 -17.41
CA GLU A 299 -1.98 10.29 -18.52
C GLU A 299 -1.18 11.59 -18.60
N ALA A 300 -1.04 12.27 -17.47
CA ALA A 300 -0.27 13.51 -17.36
C ALA A 300 0.04 13.69 -15.89
N TYR A 301 1.18 14.30 -15.59
CA TYR A 301 1.53 14.51 -14.20
C TYR A 301 2.03 15.93 -13.99
N TRP A 302 1.90 16.41 -12.77
CA TRP A 302 2.32 17.76 -12.40
C TRP A 302 3.81 17.67 -12.09
N GLU A 303 4.62 18.24 -13.00
CA GLU A 303 6.07 18.23 -12.86
C GLU A 303 6.58 19.53 -12.21
N ILE A 304 7.14 19.41 -11.02
CA ILE A 304 7.64 20.53 -10.25
C ILE A 304 9.17 20.60 -10.23
N PRO A 305 9.74 21.74 -10.62
CA PRO A 305 11.22 21.81 -10.58
C PRO A 305 11.59 21.57 -9.11
N ALA A 306 12.53 20.66 -8.86
CA ALA A 306 12.93 20.31 -7.50
C ALA A 306 13.40 21.48 -6.65
N SER A 307 13.88 22.55 -7.30
CA SER A 307 14.33 23.74 -6.56
C SER A 307 13.17 24.47 -5.88
N CYS A 308 11.96 24.28 -6.39
CA CYS A 308 10.80 24.95 -5.82
C CYS A 308 10.35 24.21 -4.56
N PRO A 309 10.19 24.95 -3.46
CA PRO A 309 9.78 24.37 -2.17
C PRO A 309 8.28 24.05 -2.11
N THR A 310 7.51 24.50 -3.08
CA THR A 310 6.09 24.17 -3.10
C THR A 310 5.73 23.56 -4.44
N ALA A 311 4.44 23.44 -4.72
CA ALA A 311 4.00 22.89 -6.00
C ALA A 311 3.54 23.96 -6.98
N VAL A 312 3.70 25.23 -6.61
CA VAL A 312 3.25 26.32 -7.48
C VAL A 312 3.92 26.42 -8.85
N GLU A 313 5.21 26.08 -8.90
CA GLU A 313 5.97 26.19 -10.15
C GLU A 313 5.91 25.06 -11.21
N GLY A 314 5.05 24.09 -11.04
CA GLY A 314 5.00 23.03 -12.05
C GLY A 314 4.29 23.29 -13.37
N ARG A 315 4.07 22.20 -14.09
CA ARG A 315 3.37 22.20 -15.37
C ARG A 315 2.94 20.75 -15.62
N TRP A 316 1.82 20.58 -16.30
CA TRP A 316 1.33 19.25 -16.59
C TRP A 316 2.11 18.71 -17.76
N VAL A 317 2.59 17.49 -17.62
CA VAL A 317 3.35 16.84 -18.65
C VAL A 317 2.69 15.53 -19.01
N LYS A 318 2.45 15.31 -20.30
CA LYS A 318 1.83 14.07 -20.73
C LYS A 318 2.79 12.90 -20.55
N ALA A 319 2.22 11.76 -20.18
CA ALA A 319 2.96 10.53 -19.98
C ALA A 319 2.32 9.55 -20.99
N PRO A 320 3.05 8.53 -21.42
CA PRO A 320 2.57 7.55 -22.38
C PRO A 320 1.74 6.42 -21.80
N GLY A 321 0.73 6.78 -21.01
CA GLY A 321 -0.12 5.79 -20.36
C GLY A 321 -0.68 4.74 -21.31
N GLU A 322 -1.18 5.22 -22.44
CA GLU A 322 -1.77 4.36 -23.46
C GLU A 322 -0.79 3.26 -23.88
N LYS A 323 0.42 3.66 -24.25
CA LYS A 323 1.41 2.69 -24.70
C LYS A 323 1.85 1.75 -23.58
N LEU A 324 1.96 2.30 -22.38
CA LEU A 324 2.38 1.49 -21.25
C LEU A 324 1.33 0.42 -20.99
N PHE A 325 0.07 0.84 -20.89
CA PHE A 325 -0.95 -0.14 -20.62
C PHE A 325 -1.19 -1.11 -21.75
N GLN A 326 -0.89 -0.67 -22.96
CA GLN A 326 -1.00 -1.57 -24.11
C GLN A 326 0.07 -2.64 -23.90
N LYS A 327 1.24 -2.21 -23.46
CA LYS A 327 2.35 -3.14 -23.20
C LYS A 327 1.99 -4.09 -22.04
N ILE A 328 1.39 -3.53 -20.98
CA ILE A 328 0.98 -4.36 -19.83
C ILE A 328 -0.05 -5.39 -20.29
N GLN A 329 -1.03 -4.96 -21.08
CA GLN A 329 -2.04 -5.88 -21.58
C GLN A 329 -1.36 -6.97 -22.40
N GLU A 330 -0.46 -6.58 -23.30
CA GLU A 330 0.23 -7.55 -24.12
C GLU A 330 0.97 -8.60 -23.33
N VAL A 331 1.69 -8.16 -22.29
CA VAL A 331 2.47 -9.08 -21.50
C VAL A 331 1.69 -9.92 -20.50
N PHE A 332 0.74 -9.31 -19.81
CA PHE A 332 -0.02 -10.03 -18.80
C PHE A 332 -1.34 -10.56 -19.30
N GLY A 333 -1.74 -10.13 -20.49
CA GLY A 333 -2.97 -10.59 -21.06
C GLY A 333 -4.19 -9.93 -20.48
N GLU A 334 -4.00 -8.98 -19.56
CA GLU A 334 -5.12 -8.30 -18.94
C GLU A 334 -4.47 -7.24 -18.08
N VAL A 335 -5.24 -6.26 -17.64
CA VAL A 335 -4.64 -5.27 -16.79
C VAL A 335 -5.39 -5.37 -15.46
N PRO A 336 -4.82 -6.11 -14.51
CA PRO A 336 -5.39 -6.34 -13.18
C PRO A 336 -5.11 -5.15 -12.28
N VAL A 337 -5.53 -3.99 -12.72
CA VAL A 337 -5.30 -2.75 -12.01
C VAL A 337 -6.56 -2.03 -11.56
N LEU A 338 -6.51 -1.46 -10.38
CA LEU A 338 -7.62 -0.67 -9.85
C LEU A 338 -7.04 0.74 -9.78
N ALA A 339 -7.66 1.68 -10.47
CA ALA A 339 -7.15 3.06 -10.49
C ALA A 339 -7.56 3.96 -9.33
N GLU A 340 -6.58 4.56 -8.65
CA GLU A 340 -6.94 5.51 -7.60
C GLU A 340 -7.02 6.79 -8.41
N ASP A 341 -8.24 7.29 -8.56
CA ASP A 341 -8.50 8.46 -9.36
C ASP A 341 -9.32 9.48 -8.60
N LEU A 342 -9.05 9.65 -7.31
CA LEU A 342 -9.84 10.55 -6.51
C LEU A 342 -9.72 12.01 -6.91
N GLY A 343 -10.88 12.62 -7.17
CA GLY A 343 -10.94 14.03 -7.59
C GLY A 343 -10.26 14.39 -8.90
N VAL A 344 -10.30 13.51 -9.90
CA VAL A 344 -9.64 13.85 -11.18
C VAL A 344 -10.49 14.61 -12.18
N ILE A 345 -11.73 14.14 -12.33
CA ILE A 345 -12.72 14.70 -13.25
C ILE A 345 -12.23 14.97 -14.69
N THR A 346 -10.94 14.71 -14.98
CA THR A 346 -10.43 14.92 -16.34
C THR A 346 -10.81 13.79 -17.29
N PRO A 347 -11.40 14.13 -18.46
CA PRO A 347 -11.86 13.23 -19.52
C PRO A 347 -10.84 12.23 -20.07
N GLU A 348 -9.62 12.72 -20.27
CA GLU A 348 -8.57 11.85 -20.79
C GLU A 348 -8.17 10.75 -19.81
N VAL A 349 -8.24 11.05 -18.51
CA VAL A 349 -7.89 10.03 -17.53
C VAL A 349 -8.98 8.96 -17.53
N GLU A 350 -10.23 9.42 -17.55
CA GLU A 350 -11.38 8.52 -17.59
C GLU A 350 -11.28 7.60 -18.79
N ALA A 351 -10.94 8.19 -19.94
CA ALA A 351 -10.82 7.44 -21.17
C ALA A 351 -9.72 6.40 -21.13
N LEU A 352 -8.58 6.75 -20.55
CA LEU A 352 -7.49 5.78 -20.46
C LEU A 352 -7.90 4.59 -19.57
N ARG A 353 -8.56 4.91 -18.46
CA ARG A 353 -9.06 3.92 -17.49
C ARG A 353 -10.03 3.00 -18.23
N ASP A 354 -11.02 3.59 -18.90
CA ASP A 354 -12.03 2.81 -19.61
C ASP A 354 -11.49 1.96 -20.73
N ARG A 355 -10.53 2.49 -21.47
CA ARG A 355 -9.94 1.75 -22.56
C ARG A 355 -9.43 0.39 -22.10
N PHE A 356 -8.88 0.33 -20.89
CA PHE A 356 -8.40 -0.95 -20.40
C PHE A 356 -9.30 -1.59 -19.36
N GLY A 357 -10.52 -1.07 -19.25
CA GLY A 357 -11.48 -1.64 -18.32
C GLY A 357 -11.10 -1.52 -16.84
N LEU A 358 -10.38 -0.46 -16.50
CA LEU A 358 -9.94 -0.26 -15.14
C LEU A 358 -10.95 0.48 -14.29
N PRO A 359 -11.31 -0.11 -13.14
CA PRO A 359 -12.26 0.57 -12.25
C PRO A 359 -11.57 1.72 -11.52
N GLY A 360 -12.34 2.75 -11.24
CA GLY A 360 -11.85 3.88 -10.47
C GLY A 360 -12.39 3.72 -9.04
N MET A 361 -12.34 4.80 -8.26
CA MET A 361 -12.80 4.76 -6.88
C MET A 361 -13.78 5.83 -6.54
N LYS A 362 -14.52 5.59 -5.46
CA LYS A 362 -15.48 6.54 -4.97
C LYS A 362 -15.33 6.45 -3.47
N VAL A 363 -15.36 7.59 -2.80
CA VAL A 363 -15.21 7.64 -1.36
C VAL A 363 -16.43 8.37 -0.81
N LEU A 364 -17.28 7.66 -0.10
CA LEU A 364 -18.51 8.23 0.46
C LEU A 364 -18.35 9.38 1.44
N GLN A 365 -17.27 9.42 2.21
CA GLN A 365 -17.08 10.54 3.14
C GLN A 365 -16.94 11.87 2.40
N PHE A 366 -16.70 11.84 1.10
CA PHE A 366 -16.56 13.07 0.31
C PHE A 366 -17.81 13.37 -0.49
N ALA A 367 -18.88 12.60 -0.29
CA ALA A 367 -20.07 12.76 -1.11
C ALA A 367 -21.12 13.76 -0.65
N PHE A 368 -20.98 14.30 0.54
CA PHE A 368 -22.04 15.13 1.09
C PHE A 368 -21.75 16.56 1.37
N ASP A 369 -20.62 17.04 0.89
CA ASP A 369 -20.26 18.42 1.17
C ASP A 369 -20.81 19.45 0.17
N ASP A 370 -21.62 19.01 -0.80
CA ASP A 370 -22.24 19.95 -1.72
C ASP A 370 -23.61 19.55 -2.20
N GLY A 371 -23.73 19.30 -3.50
CA GLY A 371 -25.02 18.95 -4.04
C GLY A 371 -25.18 17.54 -4.56
N MET A 372 -26.29 17.32 -5.26
CA MET A 372 -26.59 16.02 -5.81
C MET A 372 -25.72 15.67 -7.01
N GLU A 373 -24.94 16.63 -7.51
CA GLU A 373 -24.08 16.32 -8.66
C GLU A 373 -22.73 15.75 -8.21
N ASN A 374 -22.50 15.73 -6.90
CA ASN A 374 -21.26 15.22 -6.31
C ASN A 374 -21.03 13.80 -6.85
N PRO A 375 -19.94 13.62 -7.63
CA PRO A 375 -19.61 12.32 -8.24
C PRO A 375 -19.51 11.15 -7.26
N PHE A 376 -19.32 11.46 -6.00
CA PHE A 376 -19.18 10.40 -4.98
C PHE A 376 -20.52 9.86 -4.48
N LEU A 377 -21.61 10.52 -4.84
CA LEU A 377 -22.94 10.04 -4.46
C LEU A 377 -23.24 8.87 -5.39
N PRO A 378 -23.72 7.74 -4.83
CA PRO A 378 -24.06 6.52 -5.57
C PRO A 378 -24.90 6.66 -6.84
N HIS A 379 -25.90 7.54 -6.86
CA HIS A 379 -26.72 7.64 -8.08
C HIS A 379 -25.91 8.19 -9.27
N ASN A 380 -24.76 8.78 -8.99
CA ASN A 380 -23.90 9.30 -10.07
C ASN A 380 -22.87 8.31 -10.57
N TYR A 381 -22.79 7.13 -9.95
CA TYR A 381 -21.82 6.14 -10.40
C TYR A 381 -22.16 5.59 -11.76
N PRO A 382 -21.16 5.18 -12.54
CA PRO A 382 -21.45 4.63 -13.87
C PRO A 382 -22.27 3.36 -13.83
N ALA A 383 -23.21 3.28 -14.76
CA ALA A 383 -24.08 2.11 -14.84
C ALA A 383 -23.29 0.83 -15.02
N HIS A 384 -22.11 0.90 -15.62
CA HIS A 384 -21.35 -0.34 -15.79
C HIS A 384 -20.78 -0.83 -14.45
N GLY A 385 -20.86 0.00 -13.42
CA GLY A 385 -20.39 -0.40 -12.11
C GLY A 385 -18.91 -0.69 -11.90
N ARG A 386 -18.07 -0.32 -12.87
CA ARG A 386 -16.63 -0.58 -12.72
C ARG A 386 -16.03 0.49 -11.86
N VAL A 387 -16.26 0.37 -10.56
CA VAL A 387 -15.76 1.31 -9.60
C VAL A 387 -15.77 0.61 -8.24
N VAL A 388 -14.88 1.06 -7.38
CA VAL A 388 -14.76 0.52 -6.05
C VAL A 388 -15.20 1.62 -5.11
N VAL A 389 -16.22 1.35 -4.29
CA VAL A 389 -16.63 2.37 -3.35
C VAL A 389 -16.11 2.06 -1.97
N TYR A 390 -15.65 3.09 -1.29
CA TYR A 390 -15.13 3.04 0.07
C TYR A 390 -15.93 4.03 0.91
N THR A 391 -15.98 3.82 2.23
CA THR A 391 -16.57 4.81 3.11
C THR A 391 -15.44 5.86 3.23
N GLY A 392 -14.25 5.38 3.59
CA GLY A 392 -13.08 6.22 3.70
C GLY A 392 -11.84 5.36 3.42
N THR A 393 -10.71 5.97 3.06
CA THR A 393 -9.52 5.12 2.84
C THR A 393 -8.59 5.34 4.04
N HIS A 394 -7.38 4.80 3.96
CA HIS A 394 -6.40 4.96 5.05
C HIS A 394 -6.05 6.44 5.28
N ASP A 395 -6.30 7.30 4.29
CA ASP A 395 -5.98 8.73 4.45
C ASP A 395 -7.10 9.53 5.12
N ASN A 396 -8.24 8.89 5.32
CA ASN A 396 -9.40 9.55 5.92
C ASN A 396 -9.57 9.12 7.35
N ASP A 397 -10.34 9.90 8.08
CA ASP A 397 -10.61 9.54 9.45
C ASP A 397 -11.56 8.33 9.34
N THR A 398 -11.80 7.67 10.45
CA THR A 398 -12.77 6.56 10.42
C THR A 398 -14.08 7.33 10.15
N THR A 399 -15.11 6.64 9.69
CA THR A 399 -16.34 7.30 9.36
C THR A 399 -17.02 7.91 10.60
N LEU A 400 -16.90 7.25 11.77
CA LEU A 400 -17.49 7.83 12.96
C LEU A 400 -16.71 9.13 13.28
N GLY A 401 -15.38 9.06 13.16
CA GLY A 401 -14.55 10.24 13.42
C GLY A 401 -14.89 11.36 12.44
N TRP A 402 -15.09 11.00 11.18
CA TRP A 402 -15.46 11.97 10.15
C TRP A 402 -16.83 12.59 10.48
N TYR A 403 -17.77 11.74 10.87
CA TYR A 403 -19.10 12.21 11.17
C TYR A 403 -19.08 13.23 12.30
N ARG A 404 -18.33 12.94 13.35
CA ARG A 404 -18.24 13.84 14.51
C ARG A 404 -17.69 15.23 14.18
N THR A 405 -17.00 15.35 13.06
CA THR A 405 -16.47 16.66 12.70
C THR A 405 -17.05 17.15 11.39
N ALA A 406 -18.04 16.45 10.86
CA ALA A 406 -18.66 16.86 9.60
C ALA A 406 -19.47 18.15 9.81
N THR A 407 -19.69 18.89 8.74
CA THR A 407 -20.44 20.14 8.85
C THR A 407 -21.93 19.87 9.04
N PRO A 408 -22.66 20.84 9.64
CA PRO A 408 -24.09 20.63 9.84
C PRO A 408 -24.71 20.20 8.52
N HIS A 409 -24.24 20.81 7.45
CA HIS A 409 -24.72 20.52 6.12
C HIS A 409 -24.48 19.07 5.69
N GLU A 410 -23.24 18.62 5.89
CA GLU A 410 -22.89 17.24 5.52
C GLU A 410 -23.74 16.26 6.30
N LYS A 411 -23.82 16.47 7.62
CA LYS A 411 -24.58 15.56 8.45
C LYS A 411 -26.03 15.48 8.01
N ALA A 412 -26.63 16.63 7.70
CA ALA A 412 -28.04 16.65 7.31
C ALA A 412 -28.26 16.06 5.95
N PHE A 413 -27.41 16.40 4.99
CA PHE A 413 -27.57 15.88 3.65
C PHE A 413 -27.33 14.35 3.65
N MET A 414 -26.35 13.89 4.40
CA MET A 414 -26.05 12.46 4.47
C MET A 414 -27.30 11.70 4.95
N ALA A 415 -27.89 12.21 6.03
CA ALA A 415 -29.06 11.56 6.61
C ALA A 415 -30.20 11.54 5.60
N ARG A 416 -30.45 12.68 4.94
CA ARG A 416 -31.51 12.73 3.95
C ARG A 416 -31.21 11.79 2.78
N TYR A 417 -29.97 11.79 2.31
CA TYR A 417 -29.62 10.94 1.19
C TYR A 417 -29.78 9.47 1.59
N LEU A 418 -29.32 9.13 2.79
CA LEU A 418 -29.45 7.77 3.28
C LEU A 418 -30.93 7.37 3.28
N ALA A 419 -31.76 8.29 3.78
CA ALA A 419 -33.21 8.00 3.86
C ALA A 419 -33.79 7.74 2.49
N ASP A 420 -33.28 8.47 1.49
CA ASP A 420 -33.74 8.29 0.09
C ASP A 420 -33.42 6.88 -0.37
N TRP A 421 -32.36 6.32 0.20
CA TRP A 421 -31.95 4.97 -0.15
C TRP A 421 -32.46 3.94 0.83
N GLY A 422 -33.45 4.31 1.67
CA GLY A 422 -34.01 3.36 2.62
C GLY A 422 -33.15 2.98 3.81
N ILE A 423 -32.24 3.87 4.17
CA ILE A 423 -31.34 3.61 5.26
C ILE A 423 -31.48 4.68 6.31
N THR A 424 -31.42 4.27 7.57
CA THR A 424 -31.50 5.22 8.66
C THR A 424 -30.52 4.78 9.74
N PHE A 425 -30.48 5.52 10.84
CA PHE A 425 -29.62 5.18 11.94
C PHE A 425 -30.14 5.91 13.17
N ARG A 426 -29.68 5.52 14.34
CA ARG A 426 -30.13 6.20 15.54
C ARG A 426 -28.91 6.81 16.24
N GLU A 427 -27.99 6.01 16.74
CA GLU A 427 -26.83 6.60 17.39
C GLU A 427 -25.68 6.90 16.39
N GLU A 428 -24.81 7.83 16.76
CA GLU A 428 -23.64 8.21 15.97
C GLU A 428 -22.85 7.00 15.50
N GLU A 429 -22.64 6.07 16.42
CA GLU A 429 -21.87 4.85 16.18
C GLU A 429 -22.40 4.02 15.04
N GLU A 430 -23.64 4.26 14.64
CA GLU A 430 -24.22 3.51 13.56
C GLU A 430 -23.92 4.14 12.18
N VAL A 431 -23.46 5.38 12.16
CA VAL A 431 -23.18 6.03 10.86
C VAL A 431 -22.24 5.20 9.95
N PRO A 432 -21.14 4.64 10.49
CA PRO A 432 -20.26 3.85 9.62
C PRO A 432 -21.03 2.72 8.95
N TRP A 433 -21.89 2.07 9.73
CA TRP A 433 -22.70 0.99 9.14
C TRP A 433 -23.71 1.50 8.11
N ALA A 434 -24.35 2.64 8.38
CA ALA A 434 -25.32 3.15 7.41
C ALA A 434 -24.59 3.47 6.10
N LEU A 435 -23.40 4.08 6.20
CA LEU A 435 -22.65 4.40 5.00
C LEU A 435 -22.13 3.15 4.34
N MET A 436 -21.71 2.14 5.11
CA MET A 436 -21.29 0.90 4.45
C MET A 436 -22.49 0.31 3.70
N HIS A 437 -23.66 0.42 4.31
CA HIS A 437 -24.87 -0.12 3.66
C HIS A 437 -25.17 0.65 2.37
N LEU A 438 -25.01 1.98 2.42
CA LEU A 438 -25.24 2.80 1.22
C LEU A 438 -24.26 2.34 0.10
N GLY A 439 -23.00 2.16 0.45
CA GLY A 439 -22.05 1.69 -0.57
C GLY A 439 -22.46 0.34 -1.11
N MET A 440 -22.92 -0.56 -0.24
CA MET A 440 -23.30 -1.88 -0.73
C MET A 440 -24.53 -1.86 -1.62
N LYS A 441 -25.45 -0.95 -1.34
CA LYS A 441 -26.66 -0.85 -2.18
C LYS A 441 -26.30 -0.26 -3.57
N SER A 442 -25.17 0.45 -3.65
CA SER A 442 -24.76 1.09 -4.92
C SER A 442 -24.44 0.11 -6.02
N VAL A 443 -24.34 0.64 -7.24
CA VAL A 443 -24.03 -0.18 -8.41
C VAL A 443 -22.54 -0.55 -8.48
N ALA A 444 -21.74 0.00 -7.57
CA ALA A 444 -20.30 -0.31 -7.59
C ALA A 444 -20.11 -1.80 -7.46
N ARG A 445 -19.33 -2.40 -8.36
CA ARG A 445 -19.11 -3.84 -8.29
C ARG A 445 -18.39 -4.23 -6.99
N LEU A 446 -17.48 -3.38 -6.52
CA LEU A 446 -16.80 -3.70 -5.26
C LEU A 446 -17.00 -2.60 -4.25
N ALA A 447 -17.30 -3.03 -3.03
CA ALA A 447 -17.42 -2.10 -1.91
C ALA A 447 -16.32 -2.60 -0.97
N VAL A 448 -15.37 -1.74 -0.66
CA VAL A 448 -14.29 -2.13 0.23
C VAL A 448 -14.26 -1.15 1.41
N TYR A 449 -14.27 -1.70 2.62
CA TYR A 449 -14.32 -0.87 3.83
C TYR A 449 -13.22 -1.09 4.83
N PRO A 450 -12.77 -0.01 5.44
CA PRO A 450 -11.72 -0.13 6.44
C PRO A 450 -12.33 -0.88 7.65
N VAL A 451 -11.51 -1.72 8.26
CA VAL A 451 -11.95 -2.51 9.40
C VAL A 451 -12.40 -1.56 10.54
N GLN A 452 -11.78 -0.39 10.63
CA GLN A 452 -12.15 0.56 11.67
C GLN A 452 -13.62 0.95 11.53
N ASP A 453 -14.18 0.89 10.32
CA ASP A 453 -15.57 1.26 10.19
C ASP A 453 -16.46 0.09 10.60
N VAL A 454 -15.97 -1.13 10.38
CA VAL A 454 -16.71 -2.31 10.80
C VAL A 454 -16.83 -2.27 12.32
N LEU A 455 -15.75 -1.81 12.96
CA LEU A 455 -15.70 -1.72 14.43
C LEU A 455 -16.30 -0.43 14.96
N ALA A 456 -16.71 0.47 14.05
CA ALA A 456 -17.28 1.78 14.42
C ALA A 456 -16.39 2.52 15.42
N LEU A 457 -15.10 2.54 15.14
CA LEU A 457 -14.13 3.22 15.97
C LEU A 457 -14.10 4.70 15.61
N GLY A 458 -13.73 5.51 16.59
CA GLY A 458 -13.62 6.95 16.40
C GLY A 458 -12.25 7.35 15.86
N SER A 459 -11.97 8.65 15.92
CA SER A 459 -10.71 9.19 15.40
C SER A 459 -9.43 8.59 15.93
N GLU A 460 -9.48 7.96 17.10
CA GLU A 460 -8.32 7.34 17.70
C GLU A 460 -7.76 6.21 16.80
N ALA A 461 -8.62 5.67 15.93
CA ALA A 461 -8.23 4.57 15.05
C ALA A 461 -7.92 4.98 13.61
N ARG A 462 -7.88 6.28 13.35
CA ARG A 462 -7.57 6.77 12.01
C ARG A 462 -6.19 6.25 11.61
N MET A 463 -6.06 5.71 10.42
CA MET A 463 -4.76 5.16 9.99
C MET A 463 -3.74 6.24 9.73
N ASN A 464 -4.08 7.16 8.84
CA ASN A 464 -3.16 8.22 8.49
C ASN A 464 -3.89 9.55 8.40
N TYR A 465 -3.22 10.60 8.86
CA TYR A 465 -3.80 11.93 8.81
C TYR A 465 -2.77 12.76 8.03
N PRO A 466 -2.94 12.89 6.70
CA PRO A 466 -2.01 13.64 5.86
C PRO A 466 -1.77 15.02 6.44
N GLY A 467 -0.50 15.32 6.69
CA GLY A 467 -0.12 16.61 7.21
C GLY A 467 0.20 16.56 8.68
N ARG A 468 -0.24 15.51 9.37
CA ARG A 468 0.01 15.41 10.80
C ARG A 468 1.37 14.78 11.01
N PRO A 469 2.16 15.35 11.96
CA PRO A 469 3.51 14.83 12.23
C PRO A 469 3.61 13.39 12.72
N SER A 470 2.79 13.02 13.68
CA SER A 470 2.90 11.70 14.23
C SER A 470 1.63 10.89 14.37
N GLY A 471 1.81 9.68 14.90
CA GLY A 471 0.70 8.78 15.13
C GLY A 471 0.18 8.09 13.89
N ASN A 472 0.87 8.23 12.76
CA ASN A 472 0.36 7.59 11.57
C ASN A 472 0.80 6.16 11.39
N TRP A 473 -0.06 5.41 10.68
CA TRP A 473 0.16 4.02 10.32
C TRP A 473 0.27 3.07 11.50
N ALA A 474 -0.14 3.55 12.68
CA ALA A 474 0.02 2.78 13.90
C ALA A 474 -1.14 1.96 14.43
N TRP A 475 -2.35 2.26 13.99
CA TRP A 475 -3.51 1.54 14.53
C TRP A 475 -3.42 0.01 14.39
N ARG A 476 -3.84 -0.69 15.44
CA ARG A 476 -3.88 -2.13 15.42
C ARG A 476 -5.16 -2.65 16.03
N LEU A 477 -5.62 -3.77 15.51
CA LEU A 477 -6.75 -4.48 16.02
C LEU A 477 -6.32 -5.10 17.36
N LEU A 478 -7.28 -5.32 18.24
CA LEU A 478 -7.03 -6.00 19.49
C LEU A 478 -7.44 -7.43 19.22
N PRO A 479 -6.90 -8.39 19.97
CA PRO A 479 -7.28 -9.78 19.74
C PRO A 479 -8.79 -9.98 19.89
N GLY A 480 -9.41 -10.67 18.94
CA GLY A 480 -10.84 -10.91 19.04
C GLY A 480 -11.76 -9.70 18.86
N GLU A 481 -11.19 -8.54 18.53
CA GLU A 481 -11.99 -7.32 18.36
C GLU A 481 -13.01 -7.49 17.24
N LEU A 482 -12.60 -8.11 16.13
CA LEU A 482 -13.54 -8.38 15.03
C LEU A 482 -14.27 -9.66 15.46
N SER A 483 -15.47 -9.50 15.95
CA SER A 483 -16.24 -10.66 16.46
C SER A 483 -17.09 -11.34 15.40
N PRO A 484 -17.60 -12.53 15.72
CA PRO A 484 -18.45 -13.20 14.73
C PRO A 484 -19.67 -12.32 14.44
N GLU A 485 -20.06 -11.53 15.43
CA GLU A 485 -21.23 -10.67 15.24
C GLU A 485 -20.94 -9.59 14.20
N HIS A 486 -19.72 -9.08 14.19
CA HIS A 486 -19.38 -8.10 13.18
C HIS A 486 -19.43 -8.78 11.81
N GLY A 487 -18.93 -10.02 11.75
CA GLY A 487 -18.92 -10.73 10.49
C GLY A 487 -20.33 -11.04 9.98
N ALA A 488 -21.22 -11.46 10.88
CA ALA A 488 -22.58 -11.81 10.49
C ALA A 488 -23.33 -10.58 9.98
N ARG A 489 -23.04 -9.42 10.58
CA ARG A 489 -23.68 -8.17 10.17
C ARG A 489 -23.25 -7.79 8.75
N LEU A 490 -21.95 -7.90 8.48
CA LEU A 490 -21.47 -7.64 7.12
C LEU A 490 -22.09 -8.64 6.17
N ARG A 491 -22.14 -9.91 6.59
CA ARG A 491 -22.67 -10.95 5.70
C ARG A 491 -24.15 -10.74 5.33
N ALA A 492 -24.93 -10.35 6.32
CA ALA A 492 -26.35 -10.11 6.08
C ALA A 492 -26.50 -8.91 5.12
N MET A 493 -25.64 -7.92 5.30
CA MET A 493 -25.70 -6.74 4.43
C MET A 493 -25.32 -7.12 3.01
N ALA A 494 -24.28 -7.94 2.87
CA ALA A 494 -23.83 -8.40 1.56
C ALA A 494 -24.91 -9.25 0.88
N GLU A 495 -25.56 -10.08 1.68
CA GLU A 495 -26.57 -10.95 1.10
C GLU A 495 -27.71 -10.10 0.56
N ALA A 496 -28.12 -9.12 1.35
CA ALA A 496 -29.24 -8.26 0.95
C ALA A 496 -28.94 -7.41 -0.27
N THR A 497 -27.67 -7.09 -0.51
CA THR A 497 -27.28 -6.24 -1.62
C THR A 497 -26.69 -7.04 -2.75
N GLU A 498 -26.85 -8.36 -2.67
CA GLU A 498 -26.38 -9.29 -3.69
C GLU A 498 -24.89 -9.18 -3.98
N ARG A 499 -24.09 -9.28 -2.91
CA ARG A 499 -22.65 -9.22 -3.02
C ARG A 499 -22.01 -10.48 -2.48
N LEU A 500 -22.79 -11.56 -2.37
CA LEU A 500 -22.25 -12.82 -1.88
C LEU A 500 -21.95 -13.80 -3.01
C1 GLC B . -3.69 12.52 -4.61
C2 GLC B . -3.05 11.23 -5.14
C3 GLC B . -3.01 10.19 -4.02
C4 GLC B . -2.22 10.73 -2.83
C5 GLC B . -2.88 12.02 -2.34
C6 GLC B . -2.07 12.61 -1.16
O1 GLC B . -5.02 12.26 -4.22
O2 GLC B . -3.78 10.75 -6.25
O3 GLC B . -2.38 9.01 -4.50
O4 GLC B . -2.21 9.79 -1.72
O5 GLC B . -2.94 13.00 -3.44
O6 GLC B . -2.34 13.99 -0.98
C1 GLC B . -1.33 8.68 -1.70
C2 GLC B . -1.48 7.93 -0.34
C3 GLC B . -0.95 8.83 0.80
C4 GLC B . 0.54 9.18 0.52
C5 GLC B . 0.55 9.95 -0.77
C6 GLC B . 2.00 10.30 -1.16
O2 GLC B . -2.82 7.52 -0.13
O3 GLC B . -1.07 8.14 2.02
O4 GLC B . 1.11 10.05 1.53
O5 GLC B . 0.03 9.10 -1.86
O6 GLC B . 2.00 11.31 -2.12
C1 AC1 B . 1.39 9.52 2.80
O2 AC1 B . -0.06 11.06 3.97
C2 AC1 B . 1.28 10.59 3.90
C4A AC1 B . 7.08 15.22 3.53
C3 AC1 B . 2.26 11.75 3.61
O3 AC1 B . 2.17 12.70 4.67
C4 AC1 B . 3.70 11.21 3.51
N4A AC1 B . 4.61 12.33 3.20
C5 AC1 B . 3.73 10.12 2.36
O5 AC1 B . 2.76 9.05 2.70
C6 AC1 B . 5.08 9.48 2.19
C1B AC1 B . 5.96 12.36 3.82
C2B AC1 B . 5.97 13.38 5.02
O2B AC1 B . 4.90 13.08 5.89
C3B AC1 B . 5.90 14.84 4.51
O3B AC1 B . 5.92 15.76 5.59
O4 AC1 B . 6.67 16.41 2.88
C5B AC1 B . 7.47 14.06 2.58
C7B AC1 B . 6.95 12.77 2.73
C6B AC1 B . 8.56 14.31 1.53
O6B AC1 B . 9.81 14.62 2.17
C1 GLC C . 18.37 10.09 9.43
C2 GLC C . 18.40 8.69 8.73
C3 GLC C . 17.16 7.88 9.09
C4 GLC C . 17.07 7.74 10.62
C5 GLC C . 16.99 9.17 11.26
C6 GLC C . 16.92 9.14 12.78
O1 GLC C . 17.34 10.87 8.91
O2 GLC C . 18.51 8.87 7.32
O3 GLC C . 17.23 6.59 8.48
O4 GLC C . 15.88 6.98 10.96
O5 GLC C . 18.20 9.94 10.88
O6 GLC C . 17.89 8.24 13.31
C1 GLC C . 16.04 5.69 11.45
C2 GLC C . 14.93 4.79 10.88
C3 GLC C . 13.54 5.23 11.45
C4 GLC C . 13.60 5.14 13.00
C5 GLC C . 14.69 6.12 13.42
C6 GLC C . 14.84 6.09 14.94
O2 GLC C . 14.97 4.79 9.47
O3 GLC C . 12.55 4.35 10.91
O4 GLC C . 12.46 5.69 13.68
O5 GLC C . 15.97 5.71 12.87
O6 GLC C . 15.83 7.00 15.40
C1 AC1 C . 11.24 5.07 13.87
O2 AC1 C . 10.14 5.44 11.70
C2 AC1 C . 9.99 5.62 13.09
C4A AC1 C . 8.10 11.84 16.61
C3 AC1 C . 9.70 7.08 13.47
O3 AC1 C . 8.52 7.50 12.77
C4 AC1 C . 9.54 7.20 15.00
N4A AC1 C . 9.27 8.60 15.39
C5 AC1 C . 10.86 6.71 15.67
O5 AC1 C . 11.09 5.31 15.28
C6 AC1 C . 10.80 6.76 17.18
C1B AC1 C . 7.98 8.85 16.04
C2B AC1 C . 7.17 9.87 15.20
O2B AC1 C . 6.97 9.34 13.91
C3B AC1 C . 7.88 11.24 15.17
O3B AC1 C . 7.15 12.19 14.41
O4 AC1 C . 9.18 12.77 16.45
C5B AC1 C . 8.32 10.76 17.73
C7B AC1 C . 8.26 9.40 17.45
C6B AC1 C . 8.58 11.22 19.17
O6B AC1 C . 7.55 12.14 19.60
C1 EDO D . 2.47 9.17 -5.53
O1 EDO D . 3.31 8.00 -6.01
C2 EDO D . 1.14 8.74 -4.86
O2 EDO D . 1.52 7.84 -3.63
C1 EDO E . 18.55 -2.36 9.28
O1 EDO E . 19.95 -2.65 8.72
C2 EDO E . 18.52 -1.24 10.33
O2 EDO E . 19.57 -1.61 11.43
#